data_4IQ9
#
_entry.id   4IQ9
#
_cell.length_a   77.647
_cell.length_b   77.647
_cell.length_c   263.569
_cell.angle_alpha   90.00
_cell.angle_beta   90.00
_cell.angle_gamma   120.00
#
_symmetry.space_group_name_H-M   'P 65 2 2'
#
loop_
_entity.id
_entity.type
_entity.pdbx_description
1 polymer 'Cytochrome P450 121'
2 non-polymer 'PROTOPORPHYRIN IX CONTAINING FE'
3 non-polymer 'SULFATE ION'
4 non-polymer GLYCEROL
5 non-polymer (3S,6S)-3-(4-hydroxybenzyl)-6-(1H-indol-3-ylmethyl)piperazine-2,5-dione
6 water water
#
_entity_poly.entity_id   1
_entity_poly.type   'polypeptide(L)'
_entity_poly.pdbx_seq_one_letter_code
;TATVLLEVPFSARGDRIPDAVAELRTREPIRKVRTITGAEAWLVSSYALCTQVLEDRRFSMKETAAAGAPRLNALTVPPE
VVNNMGNIADAGLRKAVMKAITPKAPGLEQFLRDTANSLLDNLITEGAPADLRNDFADPLATALHCKVLGIPQEDGPKLF
RSLSIAFMSSADPIPAAKINWDRDIEYMAGILENPNITTGLMGELSRLRKDPAYSHVSDELFATIGVTFFGAGVISTGSF
LTTALISLIQRPQLRNLLHEKPELIPAGVEELLRINLSFADGLPRLATADIQVGDVLVRKGELVLVLLEGANFDPEHFPN
PGSIELDRPNPTSHLAFGRGQHFCPGSALGRRHAQIGIEALLKKMPGVDLAVPIDQLVWRTRFQRRIPERLPVLW
;
_entity_poly.pdbx_strand_id   A
#
# COMPACT_ATOMS: atom_id res chain seq x y z
N ALA A 2 -17.28 27.48 -20.26
CA ALA A 2 -16.02 27.34 -19.53
C ALA A 2 -16.04 26.16 -18.58
N THR A 3 -14.88 25.53 -18.38
CA THR A 3 -14.70 24.39 -17.49
C THR A 3 -13.56 24.67 -16.47
N VAL A 4 -13.64 24.02 -15.30
CA VAL A 4 -12.59 24.16 -14.29
C VAL A 4 -11.42 23.24 -14.67
N LEU A 5 -10.25 23.52 -14.10
CA LEU A 5 -9.05 22.69 -14.29
C LEU A 5 -9.35 21.24 -13.87
N LEU A 6 -8.85 20.28 -14.65
CA LEU A 6 -9.02 18.86 -14.38
C LEU A 6 -8.69 18.52 -12.91
N GLU A 7 -9.62 17.83 -12.26
CA GLU A 7 -9.49 17.45 -10.86
C GLU A 7 -9.02 16.02 -10.67
N VAL A 8 -8.21 15.80 -9.62
CA VAL A 8 -7.77 14.47 -9.24
C VAL A 8 -8.32 14.14 -7.84
N PRO A 9 -8.58 12.86 -7.52
CA PRO A 9 -8.43 11.66 -8.39
C PRO A 9 -9.59 11.50 -9.38
N PHE A 10 -9.40 10.66 -10.41
CA PHE A 10 -10.43 10.48 -11.43
C PHE A 10 -11.62 9.64 -11.02
N SER A 11 -11.37 8.52 -10.35
CA SER A 11 -12.41 7.59 -9.88
C SER A 11 -11.87 6.74 -8.76
N ALA A 12 -12.72 6.49 -7.77
CA ALA A 12 -12.38 5.61 -6.65
C ALA A 12 -12.56 4.12 -7.02
N ARG A 13 -13.09 3.81 -8.22
CA ARG A 13 -13.25 2.41 -8.60
C ARG A 13 -11.90 1.75 -8.82
N GLY A 14 -11.69 0.59 -8.22
CA GLY A 14 -10.45 -0.16 -8.38
C GLY A 14 -10.55 -1.38 -9.28
N ASP A 15 -11.67 -1.51 -10.05
CA ASP A 15 -11.90 -2.65 -10.94
C ASP A 15 -11.73 -2.31 -12.42
N ARG A 16 -11.44 -1.04 -12.74
CA ARG A 16 -11.25 -0.58 -14.11
C ARG A 16 -10.41 0.66 -14.11
N ILE A 17 -9.57 0.83 -15.13
CA ILE A 17 -8.81 2.05 -15.28
C ILE A 17 -9.60 3.02 -16.16
N PRO A 18 -9.74 4.30 -15.79
CA PRO A 18 -10.47 5.25 -16.64
C PRO A 18 -9.78 5.49 -17.96
N ASP A 19 -10.55 5.67 -19.04
CA ASP A 19 -10.02 5.96 -20.39
C ASP A 19 -9.17 7.23 -20.38
N ALA A 20 -9.46 8.19 -19.46
CA ALA A 20 -8.73 9.44 -19.30
C ALA A 20 -7.22 9.22 -19.08
N VAL A 21 -6.85 8.13 -18.37
CA VAL A 21 -5.43 7.88 -18.10
C VAL A 21 -4.63 7.74 -19.43
N ALA A 22 -5.10 6.88 -20.34
CA ALA A 22 -4.41 6.70 -21.61
C ALA A 22 -4.43 7.96 -22.46
N GLU A 23 -5.52 8.76 -22.38
CA GLU A 23 -5.64 10.03 -23.11
C GLU A 23 -4.58 11.03 -22.64
N LEU A 24 -4.43 11.20 -21.30
CA LEU A 24 -3.42 12.10 -20.73
C LEU A 24 -2.05 11.59 -21.07
N ARG A 25 -1.84 10.25 -20.96
CA ARG A 25 -0.48 9.75 -21.19
C ARG A 25 -0.04 10.04 -22.63
N THR A 26 -0.95 9.83 -23.60
CA THR A 26 -0.63 10.06 -25.02
C THR A 26 -0.44 11.55 -25.32
N ARG A 27 -1.36 12.40 -24.85
CA ARG A 27 -1.38 13.82 -25.21
C ARG A 27 -0.56 14.73 -24.33
N GLU A 28 -0.54 14.48 -23.00
CA GLU A 28 0.12 15.42 -22.07
C GLU A 28 0.56 14.61 -20.84
N PRO A 29 1.66 13.84 -20.98
CA PRO A 29 2.09 12.94 -19.89
C PRO A 29 2.55 13.64 -18.63
N ILE A 30 2.70 14.97 -18.68
CA ILE A 30 2.82 15.82 -17.51
C ILE A 30 1.87 16.99 -17.72
N ARG A 31 0.88 17.13 -16.84
CA ARG A 31 -0.08 18.21 -17.02
C ARG A 31 -0.62 18.70 -15.68
N LYS A 32 -1.14 19.92 -15.66
CA LYS A 32 -1.61 20.53 -14.43
C LYS A 32 -2.98 20.01 -14.05
N VAL A 33 -3.19 19.77 -12.75
CA VAL A 33 -4.46 19.29 -12.19
C VAL A 33 -4.73 20.03 -10.89
N ARG A 34 -5.95 19.92 -10.37
CA ARG A 34 -6.29 20.48 -9.07
C ARG A 34 -6.56 19.34 -8.10
N THR A 35 -5.98 19.39 -6.90
CA THR A 35 -6.21 18.36 -5.89
C THR A 35 -7.44 18.71 -5.02
N ILE A 36 -7.82 17.76 -4.14
CA ILE A 36 -8.99 17.98 -3.28
CA ILE A 36 -8.96 17.90 -3.23
C ILE A 36 -8.84 19.16 -2.33
N THR A 37 -7.59 19.63 -2.08
CA THR A 37 -7.41 20.80 -1.19
C THR A 37 -7.59 22.10 -1.92
N GLY A 38 -7.68 22.05 -3.26
CA GLY A 38 -7.72 23.26 -4.08
C GLY A 38 -6.36 23.64 -4.65
N ALA A 39 -5.28 22.95 -4.22
CA ALA A 39 -3.96 23.23 -4.75
C ALA A 39 -3.81 22.74 -6.19
N GLU A 40 -2.91 23.36 -6.93
CA GLU A 40 -2.56 22.87 -8.27
C GLU A 40 -1.35 21.93 -8.10
N ALA A 41 -1.24 20.98 -9.03
CA ALA A 41 -0.14 20.01 -9.04
C ALA A 41 0.13 19.56 -10.46
N TRP A 42 1.30 18.93 -10.67
CA TRP A 42 1.63 18.32 -11.96
C TRP A 42 1.38 16.83 -11.87
N LEU A 43 0.47 16.32 -12.71
CA LEU A 43 0.18 14.89 -12.74
C LEU A 43 1.03 14.23 -13.84
N VAL A 44 1.85 13.25 -13.43
CA VAL A 44 2.78 12.55 -14.31
C VAL A 44 2.24 11.15 -14.59
N SER A 45 2.07 10.79 -15.89
CA SER A 45 1.35 9.56 -16.22
C SER A 45 2.04 8.60 -17.20
N SER A 46 3.28 8.90 -17.64
CA SER A 46 3.99 7.93 -18.51
C SER A 46 5.05 7.21 -17.67
N TYR A 47 5.41 6.00 -18.09
CA TYR A 47 6.44 5.27 -17.37
C TYR A 47 7.75 6.07 -17.32
N ALA A 48 8.18 6.63 -18.47
CA ALA A 48 9.46 7.35 -18.54
C ALA A 48 9.50 8.53 -17.58
N LEU A 49 8.42 9.32 -17.54
CA LEU A 49 8.43 10.50 -16.66
C LEU A 49 8.20 10.14 -15.17
N CYS A 50 7.39 9.10 -14.91
CA CYS A 50 7.17 8.65 -13.52
C CYS A 50 8.50 8.19 -12.92
N THR A 51 9.27 7.37 -13.68
CA THR A 51 10.57 6.90 -13.18
C THR A 51 11.55 8.07 -12.99
N GLN A 52 11.55 9.05 -13.91
CA GLN A 52 12.43 10.20 -13.78
C GLN A 52 12.15 10.93 -12.46
N VAL A 53 10.87 11.17 -12.16
CA VAL A 53 10.57 11.88 -10.92
C VAL A 53 10.97 11.06 -9.69
N LEU A 54 10.60 9.75 -9.65
CA LEU A 54 10.91 8.92 -8.48
C LEU A 54 12.41 8.69 -8.27
N GLU A 55 13.22 8.80 -9.34
CA GLU A 55 14.66 8.58 -9.23
C GLU A 55 15.44 9.86 -8.96
N ASP A 56 14.76 11.03 -8.85
CA ASP A 56 15.45 12.31 -8.62
C ASP A 56 15.03 12.82 -7.25
N ARG A 57 15.93 12.74 -6.26
CA ARG A 57 15.64 13.16 -4.89
C ARG A 57 15.36 14.65 -4.75
N ARG A 58 15.63 15.44 -5.79
CA ARG A 58 15.26 16.87 -5.74
C ARG A 58 13.72 17.00 -5.78
N PHE A 59 13.00 15.91 -6.15
CA PHE A 59 11.55 15.82 -6.00
C PHE A 59 11.43 15.10 -4.66
N SER A 60 11.20 15.87 -3.58
CA SER A 60 11.30 15.40 -2.21
C SER A 60 10.02 14.92 -1.59
N MET A 61 10.05 13.75 -0.91
CA MET A 61 8.88 13.32 -0.15
C MET A 61 8.84 14.15 1.15
N LYS A 62 9.97 14.27 1.84
CA LYS A 62 10.07 14.99 3.12
C LYS A 62 9.44 16.39 3.03
N GLU A 63 9.79 17.12 1.96
CA GLU A 63 9.34 18.50 1.81
C GLU A 63 7.84 18.68 1.52
N THR A 64 7.12 17.59 1.18
CA THR A 64 5.66 17.73 1.01
C THR A 64 5.00 18.13 2.33
N ALA A 65 5.67 17.89 3.48
CA ALA A 65 5.11 18.23 4.79
C ALA A 65 5.40 19.68 5.20
N ALA A 66 6.14 20.46 4.37
CA ALA A 66 6.48 21.85 4.72
C ALA A 66 5.22 22.71 4.86
N ALA A 67 5.21 23.59 5.88
CA ALA A 67 4.07 24.48 6.05
C ALA A 67 3.95 25.39 4.81
N GLY A 68 2.73 25.62 4.35
CA GLY A 68 2.50 26.50 3.20
C GLY A 68 2.68 25.87 1.83
N ALA A 69 3.09 24.60 1.78
CA ALA A 69 3.25 23.91 0.49
C ALA A 69 1.89 23.62 -0.14
N PRO A 70 1.81 23.54 -1.48
CA PRO A 70 0.60 22.99 -2.11
C PRO A 70 0.47 21.52 -1.67
N ARG A 71 -0.75 21.13 -1.27
CA ARG A 71 -0.97 19.78 -0.72
C ARG A 71 -1.89 18.90 -1.55
N LEU A 72 -1.56 17.62 -1.62
CA LEU A 72 -2.42 16.62 -2.23
C LEU A 72 -3.63 16.43 -1.29
N ASN A 73 -3.35 16.33 0.01
CA ASN A 73 -4.35 16.07 1.05
C ASN A 73 -3.78 16.52 2.39
N ALA A 74 -4.61 16.48 3.44
CA ALA A 74 -4.15 16.89 4.75
C ALA A 74 -3.32 15.81 5.41
N LEU A 75 -2.34 16.23 6.22
CA LEU A 75 -1.57 15.24 7.00
C LEU A 75 -2.47 14.54 8.01
N THR A 76 -2.24 13.21 8.19
CA THR A 76 -2.95 12.46 9.24
C THR A 76 -1.95 11.99 10.29
N VAL A 77 -0.67 12.43 10.17
CA VAL A 77 0.41 12.11 11.08
C VAL A 77 1.14 13.41 11.38
N PRO A 78 1.98 13.45 12.45
CA PRO A 78 2.82 14.65 12.64
C PRO A 78 3.73 14.85 11.41
N PRO A 79 4.08 16.10 11.06
CA PRO A 79 4.86 16.34 9.82
C PRO A 79 6.20 15.63 9.75
N GLU A 80 6.88 15.45 10.90
CA GLU A 80 8.16 14.74 10.90
C GLU A 80 8.03 13.27 10.49
N VAL A 81 6.83 12.67 10.71
CA VAL A 81 6.55 11.26 10.42
C VAL A 81 6.45 11.02 8.90
N VAL A 82 6.27 12.10 8.09
CA VAL A 82 6.25 11.93 6.64
C VAL A 82 7.65 11.37 6.22
N ASN A 83 8.71 11.83 6.92
CA ASN A 83 10.08 11.39 6.69
C ASN A 83 10.46 10.16 7.54
N ASN A 84 9.48 9.32 7.89
CA ASN A 84 9.70 8.17 8.76
C ASN A 84 10.90 7.30 8.39
N MET A 85 11.00 6.88 7.12
CA MET A 85 12.12 6.03 6.72
C MET A 85 13.46 6.71 6.84
N GLY A 86 13.51 7.99 6.49
CA GLY A 86 14.69 8.83 6.65
C GLY A 86 15.10 8.88 8.12
N ASN A 87 14.12 9.05 9.03
CA ASN A 87 14.39 9.09 10.47
C ASN A 87 14.94 7.73 10.96
N ILE A 88 14.34 6.64 10.49
CA ILE A 88 14.81 5.28 10.84
C ILE A 88 16.28 5.10 10.38
N ALA A 89 16.57 5.51 9.13
CA ALA A 89 17.93 5.38 8.58
C ALA A 89 18.94 6.23 9.38
N ASP A 90 18.57 7.47 9.75
CA ASP A 90 19.43 8.38 10.52
C ASP A 90 19.73 7.84 11.93
N ALA A 91 18.78 7.05 12.48
CA ALA A 91 18.90 6.43 13.81
C ALA A 91 19.73 5.15 13.77
N GLY A 92 20.17 4.72 12.58
CA GLY A 92 20.96 3.51 12.37
C GLY A 92 20.13 2.24 12.50
N LEU A 93 18.81 2.35 12.26
CA LEU A 93 17.86 1.25 12.44
C LEU A 93 17.37 0.59 11.16
N ARG A 94 17.80 1.08 9.98
CA ARG A 94 17.29 0.52 8.72
C ARG A 94 17.51 -0.97 8.53
N LYS A 95 18.74 -1.45 8.76
CA LYS A 95 19.05 -2.88 8.61
C LYS A 95 18.21 -3.76 9.56
N ALA A 96 18.06 -3.32 10.83
CA ALA A 96 17.27 -4.08 11.80
C ALA A 96 15.80 -4.12 11.43
N VAL A 97 15.25 -2.99 10.94
CA VAL A 97 13.85 -2.98 10.53
C VAL A 97 13.64 -3.96 9.35
N MET A 98 14.53 -3.92 8.31
CA MET A 98 14.40 -4.81 7.15
CA MET A 98 14.45 -4.81 7.15
C MET A 98 14.47 -6.26 7.52
N LYS A 99 15.42 -6.64 8.40
CA LYS A 99 15.58 -8.04 8.84
C LYS A 99 14.33 -8.50 9.55
N ALA A 100 13.67 -7.60 10.29
CA ALA A 100 12.48 -8.00 11.02
C ALA A 100 11.24 -8.20 10.14
N ILE A 101 11.15 -7.52 8.98
CA ILE A 101 9.97 -7.59 8.13
C ILE A 101 10.11 -8.51 6.91
N THR A 102 11.18 -9.32 6.84
CA THR A 102 11.35 -10.24 5.71
CA THR A 102 11.39 -10.27 5.75
C THR A 102 10.43 -11.46 5.87
N PRO A 103 9.84 -11.94 4.76
CA PRO A 103 8.97 -13.12 4.90
C PRO A 103 9.74 -14.42 5.13
N LYS A 104 11.09 -14.35 5.07
CA LYS A 104 12.00 -15.49 5.25
C LYS A 104 12.24 -15.90 6.71
N ALA A 105 11.68 -15.18 7.69
CA ALA A 105 11.81 -15.51 9.11
C ALA A 105 11.28 -16.94 9.40
N PRO A 106 11.97 -17.75 10.26
CA PRO A 106 11.48 -19.13 10.51
C PRO A 106 10.04 -19.22 11.00
N GLY A 107 9.26 -20.07 10.33
CA GLY A 107 7.85 -20.29 10.64
C GLY A 107 6.87 -19.23 10.16
N LEU A 108 7.35 -18.13 9.57
CA LEU A 108 6.45 -17.05 9.13
C LEU A 108 5.54 -17.46 7.97
N GLU A 109 6.11 -18.08 6.93
CA GLU A 109 5.31 -18.54 5.80
C GLU A 109 4.31 -19.61 6.23
N GLN A 110 4.72 -20.53 7.15
CA GLN A 110 3.81 -21.54 7.67
C GLN A 110 2.66 -20.89 8.46
N PHE A 111 2.97 -19.83 9.22
CA PHE A 111 1.99 -19.07 9.99
C PHE A 111 0.97 -18.44 9.01
N LEU A 112 1.46 -17.84 7.89
CA LEU A 112 0.59 -17.24 6.87
C LEU A 112 -0.35 -18.30 6.28
N ARG A 113 0.21 -19.48 5.93
CA ARG A 113 -0.58 -20.57 5.36
C ARG A 113 -1.64 -21.06 6.35
N ASP A 114 -1.25 -21.33 7.61
CA ASP A 114 -2.18 -21.81 8.63
C ASP A 114 -3.29 -20.80 8.90
N THR A 115 -2.94 -19.49 8.93
CA THR A 115 -3.93 -18.46 9.20
C THR A 115 -4.92 -18.36 8.01
N ALA A 116 -4.39 -18.35 6.77
CA ALA A 116 -5.24 -18.25 5.58
C ALA A 116 -6.18 -19.45 5.50
N ASN A 117 -5.66 -20.66 5.77
CA ASN A 117 -6.46 -21.88 5.76
C ASN A 117 -7.54 -21.87 6.83
N SER A 118 -7.23 -21.38 8.04
CA SER A 118 -8.22 -21.31 9.13
C SER A 118 -9.34 -20.31 8.78
N LEU A 119 -8.97 -19.13 8.24
CA LEU A 119 -9.98 -18.13 7.85
C LEU A 119 -10.92 -18.70 6.78
N LEU A 120 -10.34 -19.38 5.78
CA LEU A 120 -11.11 -20.00 4.70
C LEU A 120 -11.98 -21.13 5.21
N ASP A 121 -11.47 -21.98 6.14
CA ASP A 121 -12.30 -23.05 6.68
C ASP A 121 -13.53 -22.46 7.39
N ASN A 122 -13.35 -21.35 8.13
CA ASN A 122 -14.45 -20.69 8.83
C ASN A 122 -15.51 -20.17 7.85
N LEU A 123 -15.06 -19.62 6.70
CA LEU A 123 -16.00 -19.13 5.70
C LEU A 123 -16.79 -20.27 5.08
N ILE A 124 -16.11 -21.40 4.82
CA ILE A 124 -16.79 -22.57 4.25
C ILE A 124 -17.84 -23.11 5.23
N THR A 125 -17.51 -23.15 6.53
CA THR A 125 -18.43 -23.65 7.57
C THR A 125 -19.67 -22.75 7.63
N GLU A 126 -19.47 -21.43 7.60
CA GLU A 126 -20.55 -20.45 7.66
C GLU A 126 -21.46 -20.50 6.41
N GLY A 127 -20.88 -20.87 5.26
CA GLY A 127 -21.61 -20.97 4.01
C GLY A 127 -21.65 -19.67 3.22
N ALA A 128 -21.80 -19.79 1.90
CA ALA A 128 -21.84 -18.61 1.02
C ALA A 128 -23.09 -17.76 1.26
N PRO A 129 -23.02 -16.43 1.06
CA PRO A 129 -21.86 -15.63 0.61
C PRO A 129 -20.85 -15.34 1.73
N ALA A 130 -19.59 -15.15 1.33
CA ALA A 130 -18.49 -14.79 2.24
C ALA A 130 -17.97 -13.45 1.80
N ASP A 131 -17.50 -12.64 2.74
CA ASP A 131 -16.92 -11.34 2.43
C ASP A 131 -15.39 -11.49 2.47
N LEU A 132 -14.74 -11.55 1.28
CA LEU A 132 -13.29 -11.76 1.21
C LEU A 132 -12.44 -10.60 1.69
N ARG A 133 -13.02 -9.41 1.90
CA ARG A 133 -12.22 -8.33 2.45
CA ARG A 133 -12.22 -8.34 2.46
C ARG A 133 -12.27 -8.42 3.98
N ASN A 134 -13.46 -8.27 4.55
CA ASN A 134 -13.60 -8.20 5.98
C ASN A 134 -13.32 -9.48 6.69
N ASP A 135 -13.53 -10.63 6.04
CA ASP A 135 -13.38 -11.92 6.70
C ASP A 135 -12.27 -12.81 6.13
N PHE A 136 -11.42 -12.23 5.27
CA PHE A 136 -10.27 -12.94 4.72
C PHE A 136 -9.03 -12.05 4.59
N ALA A 137 -9.01 -11.16 3.60
CA ALA A 137 -7.81 -10.40 3.31
C ALA A 137 -7.35 -9.50 4.44
N ASP A 138 -8.27 -8.75 5.06
CA ASP A 138 -7.88 -7.82 6.13
C ASP A 138 -7.47 -8.58 7.41
N PRO A 139 -8.23 -9.60 7.89
CA PRO A 139 -7.74 -10.36 9.06
C PRO A 139 -6.41 -11.08 8.77
N LEU A 140 -6.17 -11.54 7.52
CA LEU A 140 -4.89 -12.18 7.20
C LEU A 140 -3.78 -11.15 7.29
N ALA A 141 -3.98 -9.93 6.75
CA ALA A 141 -3.00 -8.85 6.88
C ALA A 141 -2.77 -8.47 8.35
N THR A 142 -3.85 -8.38 9.15
CA THR A 142 -3.71 -7.99 10.56
C THR A 142 -2.92 -9.07 11.32
N ALA A 143 -3.28 -10.34 11.15
CA ALA A 143 -2.59 -11.44 11.84
C ALA A 143 -1.12 -11.47 11.47
N LEU A 144 -0.81 -11.30 10.17
CA LEU A 144 0.57 -11.27 9.71
C LEU A 144 1.35 -10.16 10.41
N HIS A 145 0.79 -8.95 10.48
CA HIS A 145 1.51 -7.84 11.09
C HIS A 145 1.65 -7.92 12.58
N CYS A 146 0.72 -8.58 13.28
CA CYS A 146 0.92 -8.81 14.72
C CYS A 146 2.09 -9.76 14.90
N LYS A 147 2.17 -10.83 14.07
CA LYS A 147 3.27 -11.79 14.15
C LYS A 147 4.62 -11.11 13.81
N VAL A 148 4.67 -10.32 12.72
CA VAL A 148 5.89 -9.64 12.31
C VAL A 148 6.35 -8.66 13.41
N LEU A 149 5.39 -7.96 14.02
CA LEU A 149 5.73 -7.00 15.09
C LEU A 149 6.07 -7.66 16.42
N GLY A 150 5.60 -8.89 16.66
CA GLY A 150 5.81 -9.56 17.94
C GLY A 150 4.81 -9.17 19.00
N ILE A 151 3.64 -8.64 18.58
CA ILE A 151 2.61 -8.20 19.51
C ILE A 151 1.47 -9.20 19.56
N PRO A 152 0.65 -9.19 20.64
CA PRO A 152 -0.41 -10.19 20.74
C PRO A 152 -1.43 -10.11 19.60
N GLN A 153 -1.83 -11.28 19.09
CA GLN A 153 -2.87 -11.36 18.05
C GLN A 153 -4.15 -10.64 18.49
N GLU A 154 -4.51 -10.75 19.78
CA GLU A 154 -5.73 -10.13 20.30
C GLU A 154 -5.73 -8.60 20.26
N ASP A 155 -4.53 -7.99 20.08
CA ASP A 155 -4.40 -6.53 19.98
C ASP A 155 -4.55 -6.03 18.54
N GLY A 156 -4.54 -6.94 17.58
CA GLY A 156 -4.67 -6.56 16.17
C GLY A 156 -5.96 -5.85 15.80
N PRO A 157 -7.16 -6.39 16.15
CA PRO A 157 -8.41 -5.72 15.73
C PRO A 157 -8.55 -4.25 16.14
N LYS A 158 -8.18 -3.89 17.37
CA LYS A 158 -8.27 -2.48 17.80
C LYS A 158 -7.31 -1.59 17.01
N LEU A 159 -6.03 -2.04 16.82
CA LEU A 159 -5.07 -1.26 16.03
C LEU A 159 -5.61 -1.11 14.61
N PHE A 160 -6.23 -2.19 14.07
CA PHE A 160 -6.82 -2.17 12.74
C PHE A 160 -7.95 -1.11 12.60
N ARG A 161 -8.78 -0.96 13.62
CA ARG A 161 -9.90 0.00 13.54
C ARG A 161 -9.45 1.46 13.41
N SER A 162 -8.17 1.80 13.65
CA SER A 162 -7.71 3.17 13.38
C SER A 162 -7.57 3.42 11.88
N LEU A 163 -7.47 2.35 11.07
CA LEU A 163 -7.09 2.48 9.68
C LEU A 163 -8.05 3.14 8.71
N SER A 164 -9.36 2.98 8.94
CA SER A 164 -10.35 3.60 8.04
C SER A 164 -10.31 5.13 8.12
N ILE A 165 -9.62 5.68 9.16
CA ILE A 165 -9.46 7.12 9.33
C ILE A 165 -7.99 7.52 9.06
N ALA A 166 -7.03 6.71 9.55
CA ALA A 166 -5.62 7.07 9.42
C ALA A 166 -5.19 7.21 7.96
N PHE A 167 -5.78 6.37 7.09
CA PHE A 167 -5.42 6.39 5.68
C PHE A 167 -6.42 7.13 4.82
N MET A 168 -7.20 8.04 5.43
CA MET A 168 -8.03 8.92 4.62
C MET A 168 -7.17 9.88 3.79
N SER A 169 -7.74 10.33 2.66
CA SER A 169 -7.16 11.31 1.76
C SER A 169 -8.14 12.46 1.75
N SER A 170 -7.98 13.36 2.73
CA SER A 170 -8.93 14.41 3.08
C SER A 170 -8.46 15.79 2.68
N ALA A 171 -9.39 16.72 2.38
CA ALA A 171 -8.97 18.08 2.07
C ALA A 171 -8.52 18.79 3.36
N ASP A 172 -9.02 18.36 4.51
CA ASP A 172 -8.81 19.05 5.77
C ASP A 172 -8.33 18.10 6.87
N PRO A 173 -7.66 18.65 7.91
CA PRO A 173 -7.22 17.81 9.05
C PRO A 173 -8.39 17.03 9.64
N ILE A 174 -8.08 15.86 10.21
CA ILE A 174 -9.07 14.91 10.71
C ILE A 174 -8.92 14.76 12.22
N PRO A 175 -9.84 15.30 13.02
CA PRO A 175 -9.67 15.20 14.48
C PRO A 175 -9.53 13.76 15.00
N ALA A 176 -10.33 12.82 14.47
CA ALA A 176 -10.20 11.43 14.90
C ALA A 176 -8.83 10.83 14.60
N ALA A 177 -8.14 11.30 13.55
CA ALA A 177 -6.81 10.73 13.25
C ALA A 177 -5.82 11.03 14.37
N LYS A 178 -5.90 12.23 14.98
CA LYS A 178 -5.01 12.54 16.08
C LYS A 178 -5.38 11.73 17.35
N ILE A 179 -6.68 11.57 17.63
CA ILE A 179 -7.09 10.79 18.79
C ILE A 179 -6.53 9.36 18.68
N ASN A 180 -6.71 8.72 17.51
CA ASN A 180 -6.24 7.35 17.35
C ASN A 180 -4.71 7.28 17.31
N TRP A 181 -4.05 8.27 16.66
CA TRP A 181 -2.58 8.28 16.58
C TRP A 181 -1.99 8.30 17.98
N ASP A 182 -2.46 9.25 18.81
CA ASP A 182 -1.89 9.38 20.15
C ASP A 182 -2.13 8.11 20.99
N ARG A 183 -3.30 7.50 20.84
CA ARG A 183 -3.63 6.26 21.57
CA ARG A 183 -3.61 6.28 21.59
CA ARG A 183 -3.61 6.28 21.59
C ARG A 183 -2.74 5.11 21.10
N ASP A 184 -2.54 4.99 19.77
CA ASP A 184 -1.73 3.90 19.23
C ASP A 184 -0.25 4.06 19.60
N ILE A 185 0.24 5.31 19.63
CA ILE A 185 1.61 5.58 20.07
C ILE A 185 1.74 5.17 21.54
N GLU A 186 0.73 5.47 22.39
CA GLU A 186 0.80 5.08 23.80
C GLU A 186 0.87 3.55 23.93
N TYR A 187 0.09 2.84 23.11
CA TYR A 187 0.11 1.39 23.09
C TYR A 187 1.54 0.89 22.74
N MET A 188 2.14 1.43 21.66
CA MET A 188 3.48 0.97 21.25
C MET A 188 4.54 1.35 22.27
N ALA A 189 4.38 2.51 22.96
CA ALA A 189 5.32 2.86 24.02
C ALA A 189 5.22 1.80 25.16
N GLY A 190 4.00 1.35 25.45
CA GLY A 190 3.80 0.31 26.46
C GLY A 190 4.42 -1.02 26.04
N ILE A 191 4.33 -1.35 24.74
CA ILE A 191 4.93 -2.58 24.20
C ILE A 191 6.45 -2.56 24.40
N LEU A 192 7.10 -1.40 24.18
CA LEU A 192 8.55 -1.28 24.38
C LEU A 192 8.96 -1.52 25.82
N GLU A 193 8.05 -1.22 26.76
CA GLU A 193 8.31 -1.41 28.20
C GLU A 193 7.80 -2.75 28.73
N ASN A 194 7.13 -3.53 27.89
CA ASN A 194 6.52 -4.81 28.25
C ASN A 194 7.58 -5.90 28.19
N PRO A 195 7.90 -6.57 29.33
CA PRO A 195 8.94 -7.61 29.30
C PRO A 195 8.59 -8.85 28.49
N ASN A 196 7.31 -9.06 28.21
CA ASN A 196 6.86 -10.22 27.43
C ASN A 196 7.15 -10.06 25.93
N ILE A 197 7.47 -8.83 25.47
CA ILE A 197 7.66 -8.59 24.04
C ILE A 197 9.11 -8.70 23.68
N THR A 198 9.46 -9.90 23.17
CA THR A 198 10.86 -10.23 22.90
C THR A 198 11.08 -10.78 21.49
N THR A 199 10.03 -10.84 20.67
CA THR A 199 10.16 -11.33 19.30
C THR A 199 9.72 -10.27 18.33
N GLY A 200 9.97 -10.53 17.05
CA GLY A 200 9.56 -9.64 15.96
C GLY A 200 10.18 -8.26 15.98
N LEU A 201 9.59 -7.33 15.22
CA LEU A 201 10.11 -5.98 15.12
C LEU A 201 10.12 -5.28 16.46
N MET A 202 9.01 -5.36 17.22
CA MET A 202 8.99 -4.68 18.51
C MET A 202 9.93 -5.31 19.54
N GLY A 203 10.13 -6.62 19.50
CA GLY A 203 11.10 -7.23 20.41
C GLY A 203 12.51 -6.75 20.09
N GLU A 204 12.84 -6.61 18.80
CA GLU A 204 14.15 -6.12 18.39
C GLU A 204 14.34 -4.63 18.72
N LEU A 205 13.31 -3.81 18.47
CA LEU A 205 13.45 -2.39 18.84
C LEU A 205 13.58 -2.24 20.36
N SER A 206 12.89 -3.10 21.13
CA SER A 206 12.95 -3.02 22.59
C SER A 206 14.35 -3.30 23.08
N ARG A 207 15.06 -4.28 22.43
CA ARG A 207 16.43 -4.55 22.83
C ARG A 207 17.38 -3.45 22.37
N LEU A 208 17.23 -2.96 21.12
CA LEU A 208 18.13 -1.89 20.65
C LEU A 208 17.95 -0.62 21.49
N ARG A 209 16.74 -0.36 21.98
CA ARG A 209 16.48 0.80 22.83
C ARG A 209 17.35 0.80 24.09
N LYS A 210 17.70 -0.39 24.61
CA LYS A 210 18.51 -0.48 25.82
C LYS A 210 20.00 -0.74 25.53
N ASP A 211 20.38 -0.77 24.24
CA ASP A 211 21.77 -0.97 23.84
C ASP A 211 22.45 0.42 23.84
N PRO A 212 23.65 0.51 24.41
CA PRO A 212 24.34 1.81 24.46
C PRO A 212 24.55 2.50 23.11
N ALA A 213 24.66 1.73 22.02
CA ALA A 213 24.85 2.31 20.68
C ALA A 213 23.59 3.05 20.19
N TYR A 214 22.43 2.92 20.89
CA TYR A 214 21.17 3.56 20.48
C TYR A 214 20.54 4.38 21.63
N SER A 215 21.35 4.73 22.65
CA SER A 215 20.87 5.46 23.83
C SER A 215 20.27 6.83 23.54
N HIS A 216 20.66 7.47 22.43
CA HIS A 216 20.06 8.77 22.13
C HIS A 216 19.00 8.75 21.08
N VAL A 217 18.58 7.56 20.63
CA VAL A 217 17.46 7.45 19.69
C VAL A 217 16.23 7.72 20.54
N SER A 218 15.29 8.56 20.06
CA SER A 218 14.17 8.89 20.90
C SER A 218 13.15 7.79 21.06
N ASP A 219 12.51 7.75 22.24
CA ASP A 219 11.41 6.83 22.49
C ASP A 219 10.26 7.11 21.54
N GLU A 220 10.12 8.39 21.10
CA GLU A 220 9.08 8.77 20.17
C GLU A 220 9.29 8.03 18.85
N LEU A 221 10.56 7.96 18.38
CA LEU A 221 10.81 7.25 17.12
C LEU A 221 10.52 5.76 17.25
N PHE A 222 10.97 5.13 18.34
CA PHE A 222 10.72 3.70 18.50
C PHE A 222 9.22 3.36 18.44
N ALA A 223 8.38 4.14 19.16
CA ALA A 223 6.94 3.89 19.16
C ALA A 223 6.33 4.16 17.78
N THR A 224 6.83 5.23 17.10
CA THR A 224 6.34 5.59 15.77
C THR A 224 6.62 4.47 14.76
N ILE A 225 7.78 3.80 14.86
CA ILE A 225 8.05 2.71 13.91
C ILE A 225 6.97 1.62 14.03
N GLY A 226 6.56 1.26 15.26
CA GLY A 226 5.54 0.24 15.44
C GLY A 226 4.21 0.68 14.84
N VAL A 227 3.77 1.92 15.12
CA VAL A 227 2.46 2.37 14.59
C VAL A 227 2.47 2.45 13.07
N THR A 228 3.54 3.04 12.51
CA THR A 228 3.61 3.22 11.05
C THR A 228 3.78 1.92 10.28
N PHE A 229 4.62 1.00 10.78
CA PHE A 229 4.78 -0.26 10.04
C PHE A 229 3.54 -1.13 10.14
N PHE A 230 2.87 -1.15 11.31
CA PHE A 230 1.61 -1.88 11.38
C PHE A 230 0.60 -1.26 10.39
N GLY A 231 0.42 0.05 10.45
CA GLY A 231 -0.61 0.68 9.62
C GLY A 231 -0.33 0.60 8.14
N ALA A 232 0.86 1.01 7.72
CA ALA A 232 1.20 0.97 6.29
C ALA A 232 1.17 -0.48 5.77
N GLY A 233 1.71 -1.42 6.55
CA GLY A 233 1.73 -2.80 6.09
C GLY A 233 0.34 -3.40 6.00
N VAL A 234 -0.48 -3.21 7.03
CA VAL A 234 -1.82 -3.80 7.04
C VAL A 234 -2.71 -3.16 5.98
N ILE A 235 -2.73 -1.83 5.87
CA ILE A 235 -3.58 -1.24 4.83
C ILE A 235 -3.12 -1.62 3.43
N SER A 236 -1.80 -1.71 3.21
CA SER A 236 -1.31 -1.98 1.86
C SER A 236 -1.51 -3.43 1.45
N THR A 237 -1.21 -4.40 2.36
CA THR A 237 -1.38 -5.81 2.03
C THR A 237 -2.85 -6.19 1.98
N GLY A 238 -3.65 -5.73 2.93
CA GLY A 238 -5.07 -6.06 2.91
C GLY A 238 -5.75 -5.48 1.67
N SER A 239 -5.45 -4.23 1.33
CA SER A 239 -6.06 -3.61 0.16
C SER A 239 -5.57 -4.21 -1.16
N PHE A 240 -4.26 -4.49 -1.28
CA PHE A 240 -3.77 -5.11 -2.51
C PHE A 240 -4.36 -6.50 -2.68
N LEU A 241 -4.36 -7.34 -1.63
CA LEU A 241 -4.90 -8.68 -1.81
C LEU A 241 -6.38 -8.62 -2.20
N THR A 242 -7.15 -7.75 -1.54
CA THR A 242 -8.58 -7.64 -1.87
C THR A 242 -8.79 -7.31 -3.35
N THR A 243 -8.12 -6.28 -3.85
CA THR A 243 -8.33 -5.88 -5.24
C THR A 243 -7.69 -6.88 -6.23
N ALA A 244 -6.60 -7.58 -5.85
CA ALA A 244 -6.01 -8.63 -6.69
C ALA A 244 -7.01 -9.80 -6.80
N LEU A 245 -7.74 -10.10 -5.69
CA LEU A 245 -8.75 -11.16 -5.76
C LEU A 245 -9.86 -10.81 -6.74
N ILE A 246 -10.24 -9.51 -6.83
CA ILE A 246 -11.24 -9.13 -7.83
C ILE A 246 -10.65 -9.32 -9.24
N SER A 247 -9.40 -8.87 -9.48
CA SER A 247 -8.75 -9.04 -10.78
C SER A 247 -8.72 -10.49 -11.19
N LEU A 248 -8.46 -11.41 -10.23
CA LEU A 248 -8.39 -12.84 -10.49
C LEU A 248 -9.78 -13.43 -10.75
N ILE A 249 -10.79 -13.03 -9.95
CA ILE A 249 -12.15 -13.54 -10.10
C ILE A 249 -12.70 -13.12 -11.46
N GLN A 250 -12.37 -11.91 -11.95
CA GLN A 250 -12.80 -11.43 -13.26
C GLN A 250 -12.06 -12.10 -14.43
N ARG A 251 -11.09 -12.99 -14.14
CA ARG A 251 -10.28 -13.68 -15.16
C ARG A 251 -10.33 -15.20 -14.85
N PRO A 252 -11.49 -15.85 -15.10
CA PRO A 252 -11.61 -17.28 -14.75
C PRO A 252 -10.58 -18.19 -15.42
N GLN A 253 -10.14 -17.87 -16.66
CA GLN A 253 -9.12 -18.65 -17.36
C GLN A 253 -7.79 -18.61 -16.57
N LEU A 254 -7.41 -17.42 -16.08
CA LEU A 254 -6.20 -17.26 -15.26
C LEU A 254 -6.40 -17.95 -13.90
N ARG A 255 -7.58 -17.78 -13.28
CA ARG A 255 -7.88 -18.41 -11.99
C ARG A 255 -7.70 -19.92 -12.14
N ASN A 256 -8.22 -20.51 -13.23
CA ASN A 256 -8.11 -21.95 -13.47
C ASN A 256 -6.68 -22.40 -13.70
N LEU A 257 -5.89 -21.60 -14.45
CA LEU A 257 -4.49 -21.91 -14.72
C LEU A 257 -3.67 -21.89 -13.42
N LEU A 258 -3.90 -20.87 -12.56
CA LEU A 258 -3.16 -20.80 -11.30
C LEU A 258 -3.60 -21.91 -10.33
N HIS A 259 -4.89 -22.31 -10.38
CA HIS A 259 -5.36 -23.42 -9.56
C HIS A 259 -4.67 -24.73 -9.97
N GLU A 260 -4.53 -24.95 -11.29
CA GLU A 260 -3.92 -26.15 -11.90
C GLU A 260 -2.41 -26.18 -11.74
N LYS A 261 -1.76 -25.01 -11.86
CA LYS A 261 -0.31 -24.88 -11.80
C LYS A 261 0.07 -23.82 -10.76
N PRO A 262 -0.03 -24.13 -9.44
CA PRO A 262 0.28 -23.11 -8.42
C PRO A 262 1.70 -22.59 -8.44
N GLU A 263 2.64 -23.29 -9.15
CA GLU A 263 4.01 -22.81 -9.29
C GLU A 263 4.08 -21.48 -10.10
N LEU A 264 3.00 -21.17 -10.86
CA LEU A 264 2.87 -19.91 -11.61
C LEU A 264 2.33 -18.76 -10.75
N ILE A 265 1.93 -19.04 -9.49
CA ILE A 265 1.37 -17.99 -8.62
C ILE A 265 2.31 -16.80 -8.44
N PRO A 266 3.63 -16.97 -8.19
CA PRO A 266 4.50 -15.77 -8.08
C PRO A 266 4.49 -14.89 -9.33
N ALA A 267 4.52 -15.48 -10.54
CA ALA A 267 4.45 -14.68 -11.78
C ALA A 267 3.07 -14.03 -11.90
N GLY A 268 2.02 -14.74 -11.44
CA GLY A 268 0.67 -14.20 -11.44
C GLY A 268 0.54 -13.00 -10.52
N VAL A 269 1.11 -13.11 -9.29
CA VAL A 269 1.11 -11.99 -8.32
C VAL A 269 1.87 -10.79 -8.86
N GLU A 270 2.99 -11.00 -9.58
CA GLU A 270 3.71 -9.86 -10.14
C GLU A 270 2.85 -9.09 -11.18
N GLU A 271 2.08 -9.80 -12.02
CA GLU A 271 1.19 -9.13 -12.96
C GLU A 271 -0.01 -8.49 -12.21
N LEU A 272 -0.52 -9.15 -11.16
CA LEU A 272 -1.60 -8.57 -10.36
C LEU A 272 -1.12 -7.29 -9.68
N LEU A 273 0.16 -7.24 -9.27
CA LEU A 273 0.75 -6.01 -8.73
C LEU A 273 0.84 -4.96 -9.85
N ARG A 274 1.32 -5.36 -11.03
CA ARG A 274 1.44 -4.40 -12.12
C ARG A 274 0.11 -3.74 -12.48
N ILE A 275 -1.00 -4.52 -12.56
CA ILE A 275 -2.27 -3.91 -12.98
C ILE A 275 -3.07 -3.38 -11.80
N ASN A 276 -2.50 -3.39 -10.59
CA ASN A 276 -3.25 -3.01 -9.40
C ASN A 276 -3.60 -1.53 -9.35
N LEU A 277 -4.83 -1.25 -8.91
CA LEU A 277 -5.30 0.14 -8.78
C LEU A 277 -5.50 0.52 -7.31
N SER A 278 -4.79 -0.18 -6.39
CA SER A 278 -4.94 0.06 -4.94
C SER A 278 -4.54 1.47 -4.52
N PHE A 279 -3.50 2.12 -5.11
CA PHE A 279 -3.17 3.49 -4.69
C PHE A 279 -4.14 4.45 -5.32
N ALA A 280 -4.89 5.16 -4.48
CA ALA A 280 -5.96 6.05 -4.93
C ALA A 280 -5.48 7.37 -5.52
N ASP A 281 -4.29 7.81 -5.13
CA ASP A 281 -3.72 9.09 -5.58
C ASP A 281 -2.34 8.86 -6.12
N GLY A 282 -1.85 9.80 -6.91
CA GLY A 282 -0.45 9.77 -7.32
C GLY A 282 0.46 9.92 -6.10
N LEU A 283 1.70 9.43 -6.19
CA LEU A 283 2.66 9.60 -5.09
C LEU A 283 3.13 11.05 -5.10
N PRO A 284 3.00 11.76 -3.96
CA PRO A 284 3.36 13.19 -3.97
C PRO A 284 4.83 13.45 -3.71
N ARG A 285 5.35 14.48 -4.38
CA ARG A 285 6.70 14.99 -4.21
C ARG A 285 6.67 16.50 -4.36
N LEU A 286 7.56 17.20 -3.62
CA LEU A 286 7.68 18.65 -3.77
C LEU A 286 9.01 18.97 -4.43
N ALA A 287 8.98 19.77 -5.50
CA ALA A 287 10.22 20.16 -6.16
C ALA A 287 11.07 21.08 -5.26
N THR A 288 12.37 20.78 -5.15
CA THR A 288 13.31 21.60 -4.36
C THR A 288 14.23 22.41 -5.28
N ALA A 289 13.97 22.36 -6.59
CA ALA A 289 14.74 23.07 -7.63
C ALA A 289 13.85 23.17 -8.85
N ASP A 290 14.27 23.97 -9.86
CA ASP A 290 13.57 24.03 -11.13
C ASP A 290 14.10 22.87 -11.96
N ILE A 291 13.20 21.93 -12.35
CA ILE A 291 13.57 20.70 -13.01
C ILE A 291 12.70 20.46 -14.25
N GLN A 292 13.33 20.15 -15.39
CA GLN A 292 12.61 19.87 -16.63
C GLN A 292 12.10 18.43 -16.61
N VAL A 293 10.78 18.26 -16.80
CA VAL A 293 10.12 16.96 -16.87
C VAL A 293 9.31 16.98 -18.15
N GLY A 294 9.78 16.27 -19.18
CA GLY A 294 9.11 16.32 -20.47
C GLY A 294 9.06 17.75 -20.97
N ASP A 295 7.89 18.20 -21.38
CA ASP A 295 7.68 19.55 -21.91
C ASP A 295 7.49 20.64 -20.84
N VAL A 296 7.55 20.28 -19.55
CA VAL A 296 7.29 21.22 -18.46
C VAL A 296 8.51 21.49 -17.61
N LEU A 297 8.76 22.79 -17.31
CA LEU A 297 9.80 23.14 -16.36
C LEU A 297 9.07 23.26 -15.01
N VAL A 298 9.20 22.24 -14.16
CA VAL A 298 8.58 22.25 -12.83
C VAL A 298 9.38 23.23 -11.98
N ARG A 299 8.69 24.13 -11.29
CA ARG A 299 9.37 25.12 -10.48
C ARG A 299 9.53 24.69 -9.03
N LYS A 300 10.59 25.17 -8.38
CA LYS A 300 10.80 24.95 -6.96
CA LYS A 300 10.81 24.94 -6.96
C LYS A 300 9.54 25.30 -6.18
N GLY A 301 9.15 24.40 -5.27
CA GLY A 301 7.96 24.59 -4.43
C GLY A 301 6.67 24.02 -5.00
N GLU A 302 6.69 23.49 -6.24
CA GLU A 302 5.48 22.91 -6.83
C GLU A 302 5.34 21.44 -6.46
N LEU A 303 4.07 21.00 -6.43
CA LEU A 303 3.70 19.63 -6.14
C LEU A 303 3.62 18.80 -7.40
N VAL A 304 4.24 17.60 -7.35
CA VAL A 304 4.21 16.64 -8.46
C VAL A 304 3.56 15.34 -7.94
N LEU A 305 2.67 14.77 -8.75
CA LEU A 305 1.96 13.53 -8.41
C LEU A 305 2.32 12.46 -9.42
N VAL A 306 2.92 11.36 -8.93
CA VAL A 306 3.37 10.28 -9.81
C VAL A 306 2.27 9.22 -9.87
N LEU A 307 1.56 9.13 -11.01
CA LEU A 307 0.41 8.22 -11.14
C LEU A 307 0.89 6.81 -11.44
N LEU A 308 0.82 5.93 -10.44
CA LEU A 308 1.37 4.58 -10.62
C LEU A 308 0.74 3.81 -11.77
N GLU A 309 -0.61 3.91 -11.91
CA GLU A 309 -1.27 3.22 -13.04
C GLU A 309 -0.95 3.87 -14.39
N GLY A 310 -0.54 5.13 -14.36
CA GLY A 310 -0.06 5.76 -15.57
C GLY A 310 1.18 5.02 -16.07
N ALA A 311 2.16 4.79 -15.18
CA ALA A 311 3.36 4.07 -15.55
C ALA A 311 3.06 2.58 -15.86
N ASN A 312 2.27 1.94 -14.97
CA ASN A 312 2.06 0.49 -15.06
C ASN A 312 1.20 0.02 -16.21
N PHE A 313 0.39 0.93 -16.78
CA PHE A 313 -0.43 0.62 -17.94
C PHE A 313 0.12 1.30 -19.21
N ASP A 314 1.39 1.76 -19.19
CA ASP A 314 1.97 2.45 -20.32
C ASP A 314 2.33 1.40 -21.40
N PRO A 315 1.68 1.44 -22.59
CA PRO A 315 1.98 0.40 -23.60
C PRO A 315 3.38 0.47 -24.18
N GLU A 316 4.07 1.62 -23.99
CA GLU A 316 5.44 1.73 -24.50
CA GLU A 316 5.43 1.75 -24.50
C GLU A 316 6.41 0.96 -23.63
N HIS A 317 5.98 0.60 -22.38
CA HIS A 317 6.81 -0.19 -21.45
C HIS A 317 6.24 -1.61 -21.27
N PHE A 318 4.91 -1.75 -21.24
CA PHE A 318 4.22 -3.01 -21.06
C PHE A 318 3.20 -3.19 -22.18
N PRO A 319 3.63 -3.77 -23.32
CA PRO A 319 2.69 -3.95 -24.45
C PRO A 319 1.46 -4.78 -24.03
N ASN A 320 0.27 -4.43 -24.57
CA ASN A 320 -1.05 -4.99 -24.20
C ASN A 320 -1.16 -4.89 -22.67
N PRO A 321 -1.09 -3.63 -22.16
CA PRO A 321 -0.99 -3.41 -20.72
C PRO A 321 -2.12 -3.90 -19.85
N GLY A 322 -3.33 -3.98 -20.43
CA GLY A 322 -4.46 -4.43 -19.66
C GLY A 322 -4.57 -5.94 -19.49
N SER A 323 -3.68 -6.70 -20.17
CA SER A 323 -3.70 -8.15 -20.11
C SER A 323 -2.64 -8.67 -19.15
N ILE A 324 -3.02 -9.70 -18.34
CA ILE A 324 -2.10 -10.40 -17.44
C ILE A 324 -1.37 -11.43 -18.31
N GLU A 325 -0.07 -11.24 -18.48
CA GLU A 325 0.75 -12.13 -19.32
C GLU A 325 1.88 -12.57 -18.42
N LEU A 326 2.00 -13.90 -18.19
CA LEU A 326 2.92 -14.47 -17.22
C LEU A 326 4.35 -14.62 -17.74
N ASP A 327 4.58 -14.30 -19.01
CA ASP A 327 5.88 -14.47 -19.67
C ASP A 327 6.44 -13.15 -20.19
N ARG A 328 6.17 -12.03 -19.49
CA ARG A 328 6.74 -10.77 -19.94
C ARG A 328 8.26 -10.80 -19.68
N PRO A 329 9.05 -10.06 -20.46
CA PRO A 329 10.50 -10.05 -20.23
C PRO A 329 10.97 -9.07 -19.15
N ASN A 330 10.07 -8.18 -18.67
CA ASN A 330 10.39 -7.15 -17.69
C ASN A 330 9.32 -7.17 -16.55
N PRO A 331 9.07 -8.37 -15.94
CA PRO A 331 7.92 -8.50 -15.04
C PRO A 331 7.91 -7.73 -13.73
N THR A 332 9.07 -7.50 -13.15
CA THR A 332 9.16 -6.81 -11.88
C THR A 332 9.49 -5.34 -12.06
N SER A 333 9.55 -4.86 -13.32
CA SER A 333 9.89 -3.46 -13.61
C SER A 333 8.72 -2.48 -13.41
N HIS A 334 7.57 -2.98 -12.90
CA HIS A 334 6.43 -2.11 -12.59
C HIS A 334 6.78 -1.21 -11.38
N LEU A 335 5.91 -0.23 -11.12
CA LEU A 335 6.10 0.71 -10.02
C LEU A 335 5.12 0.48 -8.87
N ALA A 336 4.58 -0.76 -8.72
CA ALA A 336 3.63 -0.99 -7.61
C ALA A 336 4.22 -0.75 -6.24
N PHE A 337 5.54 -0.90 -6.07
CA PHE A 337 6.23 -0.65 -4.80
C PHE A 337 7.04 0.65 -4.87
N GLY A 338 6.76 1.49 -5.86
CA GLY A 338 7.55 2.71 -6.04
C GLY A 338 8.87 2.44 -6.75
N ARG A 339 9.83 3.36 -6.55
CA ARG A 339 11.13 3.34 -7.21
C ARG A 339 12.02 4.37 -6.54
N GLY A 340 13.31 4.06 -6.44
CA GLY A 340 14.25 5.06 -5.90
C GLY A 340 14.39 5.07 -4.40
N GLN A 341 14.65 6.24 -3.85
CA GLN A 341 14.91 6.43 -2.43
C GLN A 341 13.83 5.84 -1.53
N HIS A 342 12.56 5.94 -1.94
CA HIS A 342 11.43 5.54 -1.11
C HIS A 342 10.79 4.23 -1.49
N PHE A 343 11.54 3.38 -2.24
CA PHE A 343 11.05 2.05 -2.63
C PHE A 343 10.55 1.31 -1.38
N CYS A 344 9.38 0.68 -1.49
CA CYS A 344 8.75 0.02 -0.37
C CYS A 344 9.68 -0.93 0.38
N PRO A 345 9.85 -0.76 1.70
CA PRO A 345 10.68 -1.71 2.45
C PRO A 345 9.96 -3.03 2.74
N GLY A 346 8.64 -3.07 2.55
CA GLY A 346 7.86 -4.27 2.80
C GLY A 346 7.55 -5.06 1.54
N SER A 347 8.23 -4.78 0.40
CA SER A 347 7.91 -5.43 -0.88
C SER A 347 7.91 -6.95 -0.82
N ALA A 348 8.94 -7.55 -0.20
CA ALA A 348 8.98 -9.02 -0.15
C ALA A 348 7.87 -9.58 0.70
N LEU A 349 7.55 -8.93 1.82
CA LEU A 349 6.46 -9.40 2.69
C LEU A 349 5.10 -9.26 2.00
N GLY A 350 4.87 -8.15 1.28
CA GLY A 350 3.64 -7.94 0.55
C GLY A 350 3.44 -8.96 -0.53
N ARG A 351 4.55 -9.29 -1.27
CA ARG A 351 4.46 -10.32 -2.31
C ARG A 351 4.08 -11.66 -1.68
N ARG A 352 4.75 -12.03 -0.56
CA ARG A 352 4.48 -13.33 0.07
C ARG A 352 3.06 -13.41 0.65
N HIS A 353 2.58 -12.32 1.26
CA HIS A 353 1.23 -12.29 1.80
C HIS A 353 0.21 -12.61 0.68
N ALA A 354 0.36 -11.95 -0.48
CA ALA A 354 -0.56 -12.15 -1.61
C ALA A 354 -0.43 -13.53 -2.22
N GLN A 355 0.80 -14.01 -2.39
CA GLN A 355 1.04 -15.34 -2.97
C GLN A 355 0.38 -16.42 -2.10
N ILE A 356 0.63 -16.37 -0.78
CA ILE A 356 0.06 -17.37 0.13
C ILE A 356 -1.46 -17.27 0.24
N GLY A 357 -1.99 -16.04 0.32
CA GLY A 357 -3.44 -15.87 0.36
C GLY A 357 -4.14 -16.44 -0.87
N ILE A 358 -3.57 -16.17 -2.06
CA ILE A 358 -4.12 -16.67 -3.33
C ILE A 358 -3.98 -18.18 -3.44
N GLU A 359 -2.81 -18.72 -3.07
CA GLU A 359 -2.60 -20.18 -3.12
C GLU A 359 -3.63 -20.90 -2.24
N ALA A 360 -3.85 -20.39 -1.02
CA ALA A 360 -4.80 -21.00 -0.09
C ALA A 360 -6.23 -20.87 -0.61
N LEU A 361 -6.61 -19.69 -1.15
CA LEU A 361 -7.96 -19.50 -1.67
CA LEU A 361 -7.97 -19.49 -1.68
C LEU A 361 -8.26 -20.41 -2.84
N LEU A 362 -7.32 -20.53 -3.78
CA LEU A 362 -7.54 -21.37 -4.96
C LEU A 362 -7.63 -22.85 -4.61
N LYS A 363 -6.93 -23.29 -3.57
CA LYS A 363 -7.01 -24.67 -3.15
C LYS A 363 -8.37 -24.96 -2.46
N LYS A 364 -8.81 -24.06 -1.56
CA LYS A 364 -10.03 -24.23 -0.77
C LYS A 364 -11.31 -23.93 -1.54
N MET A 365 -11.27 -22.91 -2.42
CA MET A 365 -12.42 -22.40 -3.17
C MET A 365 -12.07 -22.31 -4.67
N PRO A 366 -11.80 -23.43 -5.37
CA PRO A 366 -11.45 -23.33 -6.80
C PRO A 366 -12.55 -22.73 -7.67
N GLY A 367 -13.80 -22.81 -7.23
CA GLY A 367 -14.93 -22.24 -7.95
C GLY A 367 -15.31 -20.84 -7.49
N VAL A 368 -14.40 -20.13 -6.77
CA VAL A 368 -14.69 -18.78 -6.28
C VAL A 368 -15.20 -17.86 -7.41
N ASP A 369 -16.25 -17.08 -7.09
CA ASP A 369 -16.82 -16.14 -8.02
C ASP A 369 -17.52 -15.04 -7.22
N LEU A 370 -17.73 -13.89 -7.85
CA LEU A 370 -18.48 -12.83 -7.18
C LEU A 370 -19.91 -13.33 -6.96
N ALA A 371 -20.51 -12.94 -5.82
CA ALA A 371 -21.90 -13.31 -5.51
C ALA A 371 -22.86 -12.19 -5.83
N VAL A 372 -22.32 -11.04 -6.30
CA VAL A 372 -23.13 -9.90 -6.71
C VAL A 372 -22.56 -9.42 -8.05
N PRO A 373 -23.36 -8.72 -8.90
CA PRO A 373 -22.78 -8.12 -10.12
C PRO A 373 -21.64 -7.16 -9.72
N ILE A 374 -20.56 -7.12 -10.51
CA ILE A 374 -19.39 -6.31 -10.14
C ILE A 374 -19.70 -4.84 -9.87
N ASP A 375 -20.69 -4.27 -10.57
CA ASP A 375 -21.00 -2.86 -10.35
C ASP A 375 -21.56 -2.61 -8.96
N GLN A 376 -22.02 -3.66 -8.27
CA GLN A 376 -22.59 -3.52 -6.92
C GLN A 376 -21.57 -3.35 -5.83
N LEU A 377 -20.27 -3.52 -6.13
CA LEU A 377 -19.25 -3.27 -5.11
C LEU A 377 -19.27 -1.78 -4.77
N VAL A 378 -19.05 -1.45 -3.50
CA VAL A 378 -19.12 -0.06 -3.01
C VAL A 378 -17.68 0.39 -2.78
N TRP A 379 -17.22 1.35 -3.57
CA TRP A 379 -15.82 1.77 -3.53
C TRP A 379 -15.59 2.88 -2.54
N ARG A 380 -14.66 2.65 -1.60
CA ARG A 380 -14.38 3.65 -0.58
C ARG A 380 -13.84 4.95 -1.23
N THR A 381 -14.41 6.09 -0.80
CA THR A 381 -13.99 7.40 -1.34
C THR A 381 -13.09 8.17 -0.39
N ARG A 382 -12.35 9.14 -0.96
CA ARG A 382 -11.48 10.04 -0.18
C ARG A 382 -10.56 9.27 0.78
N PHE A 383 -9.96 8.23 0.21
CA PHE A 383 -9.09 7.34 0.96
C PHE A 383 -7.78 7.15 0.17
N GLN A 384 -6.69 6.78 0.86
CA GLN A 384 -5.38 6.63 0.20
C GLN A 384 -5.31 5.33 -0.61
N ARG A 385 -6.28 4.44 -0.41
CA ARG A 385 -6.38 3.22 -1.19
C ARG A 385 -7.76 3.12 -1.82
N ARG A 386 -7.84 2.36 -2.91
CA ARG A 386 -9.14 2.03 -3.53
C ARG A 386 -9.46 0.62 -3.05
N ILE A 387 -10.61 0.46 -2.42
CA ILE A 387 -11.08 -0.83 -1.92
C ILE A 387 -12.58 -0.89 -1.89
N PRO A 388 -13.12 -2.09 -2.12
CA PRO A 388 -14.57 -2.28 -1.97
C PRO A 388 -14.89 -2.44 -0.47
N GLU A 389 -15.97 -1.87 0.00
CA GLU A 389 -16.27 -1.97 1.43
C GLU A 389 -16.53 -3.42 1.84
N ARG A 390 -17.17 -4.19 0.95
CA ARG A 390 -17.40 -5.63 1.14
C ARG A 390 -17.05 -6.33 -0.18
N LEU A 391 -16.57 -7.58 -0.12
CA LEU A 391 -16.28 -8.32 -1.33
C LEU A 391 -17.06 -9.65 -1.26
N PRO A 392 -18.36 -9.64 -1.64
CA PRO A 392 -19.18 -10.86 -1.50
C PRO A 392 -18.90 -11.88 -2.58
N VAL A 393 -18.58 -13.12 -2.16
CA VAL A 393 -18.27 -14.20 -3.07
C VAL A 393 -19.05 -15.46 -2.75
N LEU A 394 -19.10 -16.35 -3.72
CA LEU A 394 -19.64 -17.69 -3.54
C LEU A 394 -18.62 -18.65 -4.18
N TRP A 395 -18.82 -19.99 -4.05
CA TRP A 395 -17.83 -20.94 -4.55
C TRP A 395 -18.45 -22.30 -4.82
#